data_5OU0
#
_entry.id   5OU0
#
_cell.length_a   39.758
_cell.length_b   46.771
_cell.length_c   47.157
_cell.angle_alpha   76.45
_cell.angle_beta   67.76
_cell.angle_gamma   78.18
#
_symmetry.space_group_name_H-M   'P 1'
#
loop_
_entity.id
_entity.type
_entity.pdbx_description
1 polymer 'Aldose reductase'
2 non-polymer 'NADP NICOTINAMIDE-ADENINE-DINUCLEOTIDE PHOSPHATE'
3 non-polymer '2-[5-(4-chlorophenyl)-3-methyl-1-oxidanylidene-pyrimido[4,5-c]quinolin-2-yl]ethanoic acid'
4 water water
#
_entity_poly.entity_id   1
_entity_poly.type   'polypeptide(L)'
_entity_poly.pdbx_seq_one_letter_code
;MASRILLNNGAKMPILGLGTWKSPPGQVTEAVKVAIDVGYRHIDCAHVYQNENEVGVAIQEKLREQVVKREELFIVSKLW
CTYHEKGLVKGACQKTLSDLKLDYLDLYLIHWPTGFKPGKEFFPLDESGNVVPSDTNILDTWAAMEELVDEGLVKAIGIS
NFNHLQVEMILNKPGLKYKPAVNQIECHPYLTQEKLIQYCQSKGIVVTAYSPLGSPDRPWAKPEDPSLLEDPRIKAIAAK
HNKTTAQVLIRFPMQRNLVVIPKSVTPERIAENFKVFDFELSSQDMTTLLSYNRNWRVCALLSCTSHKDYPFHEEF
;
_entity_poly.pdbx_strand_id   A
#
# COMPACT_ATOMS: atom_id res chain seq x y z
N MET A 1 -16.75 12.18 -8.47
CA MET A 1 -15.63 11.29 -8.26
C MET A 1 -15.93 9.82 -8.73
N ALA A 2 -15.41 9.42 -9.90
CA ALA A 2 -15.43 8.00 -10.26
C ALA A 2 -14.69 7.18 -9.21
N SER A 3 -15.19 5.99 -8.95
CA SER A 3 -14.69 5.23 -7.86
C SER A 3 -13.50 4.37 -8.22
N ARG A 4 -13.10 4.28 -9.48
CA ARG A 4 -11.98 3.46 -9.91
CA ARG A 4 -11.98 3.46 -9.91
C ARG A 4 -11.07 4.26 -10.84
N ILE A 5 -9.83 3.86 -10.90
N ILE A 5 -9.76 3.91 -10.83
CA ILE A 5 -8.82 4.47 -11.75
CA ILE A 5 -8.71 4.47 -11.71
C ILE A 5 -8.28 3.40 -12.70
C ILE A 5 -8.24 3.39 -12.69
N LEU A 6 -8.09 3.76 -13.96
CA LEU A 6 -7.59 2.82 -14.97
C LEU A 6 -6.09 2.60 -14.83
N LEU A 7 -5.70 1.32 -14.81
CA LEU A 7 -4.31 0.90 -14.82
C LEU A 7 -3.82 0.62 -16.23
N ASN A 8 -2.51 0.42 -16.36
CA ASN A 8 -1.87 0.20 -17.68
C ASN A 8 -2.16 -1.14 -18.33
N ASN A 9 -2.84 -2.05 -17.62
CA ASN A 9 -3.25 -3.35 -18.13
C ASN A 9 -4.69 -3.36 -18.52
N GLY A 10 -5.36 -2.19 -18.50
CA GLY A 10 -6.75 -2.07 -18.86
C GLY A 10 -7.73 -2.35 -17.73
N ALA A 11 -7.23 -2.77 -16.56
CA ALA A 11 -8.09 -3.04 -15.42
C ALA A 11 -8.32 -1.74 -14.63
N LYS A 12 -9.42 -1.71 -13.90
CA LYS A 12 -9.80 -0.58 -13.09
C LYS A 12 -9.60 -0.93 -11.60
N MET A 13 -8.93 -0.01 -10.89
CA MET A 13 -8.56 -0.22 -9.50
C MET A 13 -9.41 0.70 -8.62
N PRO A 14 -10.13 0.17 -7.64
CA PRO A 14 -10.89 1.05 -6.74
C PRO A 14 -9.98 2.02 -6.00
N ILE A 15 -10.40 3.27 -5.96
CA ILE A 15 -9.60 4.32 -5.34
C ILE A 15 -9.60 4.23 -3.81
N LEU A 16 -10.55 3.54 -3.21
CA LEU A 16 -10.57 3.35 -1.78
C LEU A 16 -10.40 1.87 -1.51
N GLY A 17 -9.42 1.52 -0.70
CA GLY A 17 -9.21 0.16 -0.26
C GLY A 17 -9.03 0.08 1.25
N LEU A 18 -9.08 -1.17 1.74
CA LEU A 18 -8.89 -1.45 3.17
C LEU A 18 -7.44 -1.89 3.41
N GLY A 19 -6.75 -1.17 4.28
CA GLY A 19 -5.45 -1.58 4.72
C GLY A 19 -5.51 -2.68 5.80
N THR A 20 -4.45 -3.50 5.87
CA THR A 20 -4.44 -4.66 6.77
C THR A 20 -3.15 -4.81 7.60
N TRP A 21 -2.20 -3.85 7.51
CA TRP A 21 -1.03 -3.93 8.40
C TRP A 21 -1.49 -3.63 9.82
N LYS A 22 -1.11 -4.53 10.75
CA LYS A 22 -1.43 -4.43 12.17
C LYS A 22 -2.86 -4.85 12.46
N SER A 23 -3.57 -5.43 11.50
CA SER A 23 -4.89 -6.00 11.76
C SER A 23 -4.66 -7.41 12.30
N PRO A 24 -4.86 -7.66 13.59
CA PRO A 24 -4.47 -8.96 14.11
C PRO A 24 -5.28 -10.06 13.45
N PRO A 25 -4.68 -11.22 13.30
CA PRO A 25 -5.32 -12.36 12.79
C PRO A 25 -6.57 -12.60 13.52
N GLY A 26 -6.64 -12.42 14.84
CA GLY A 26 -7.87 -12.67 15.56
C GLY A 26 -9.00 -11.68 15.34
N GLN A 27 -8.77 -10.57 14.58
CA GLN A 27 -9.78 -9.56 14.26
CA GLN A 27 -9.79 -9.54 14.22
CA GLN A 27 -9.77 -9.55 14.26
C GLN A 27 -9.94 -9.22 12.75
N VAL A 28 -8.98 -9.59 11.89
CA VAL A 28 -9.02 -9.10 10.52
C VAL A 28 -10.08 -9.84 9.67
N THR A 29 -10.39 -11.08 10.02
CA THR A 29 -11.46 -11.77 9.27
C THR A 29 -12.76 -10.97 9.37
N GLU A 30 -13.14 -10.57 10.58
CA GLU A 30 -14.36 -9.77 10.71
C GLU A 30 -14.24 -8.43 10.02
N ALA A 31 -13.05 -7.81 10.11
CA ALA A 31 -12.88 -6.50 9.49
C ALA A 31 -13.12 -6.58 8.00
N VAL A 32 -12.56 -7.62 7.34
CA VAL A 32 -12.71 -7.74 5.92
C VAL A 32 -14.15 -8.10 5.54
N LYS A 33 -14.81 -8.95 6.34
CA LYS A 33 -16.24 -9.24 6.09
C LYS A 33 -17.06 -7.96 6.14
N VAL A 34 -16.87 -7.17 7.19
CA VAL A 34 -17.61 -5.91 7.34
C VAL A 34 -17.27 -4.98 6.19
N ALA A 35 -15.98 -4.85 5.84
CA ALA A 35 -15.60 -3.97 4.75
C ALA A 35 -16.31 -4.37 3.46
N ILE A 36 -16.29 -5.65 3.14
CA ILE A 36 -16.99 -6.10 1.91
C ILE A 36 -18.49 -5.77 2.01
N ASP A 37 -19.10 -5.96 3.18
CA ASP A 37 -20.52 -5.63 3.36
C ASP A 37 -20.83 -4.17 3.08
N VAL A 38 -19.96 -3.47 3.76
CA VAL A 38 -20.06 -2.09 3.69
C VAL A 38 -19.99 -1.60 2.19
N GLY A 39 -19.07 -2.04 1.23
CA GLY A 39 -18.79 -1.61 -0.11
C GLY A 39 -17.35 -1.64 -0.53
N TYR A 40 -16.43 -1.95 0.39
CA TYR A 40 -15.05 -2.00 -0.10
C TYR A 40 -14.87 -3.15 -1.08
N ARG A 41 -14.11 -2.89 -2.12
CA ARG A 41 -13.82 -3.90 -3.13
C ARG A 41 -12.34 -4.04 -3.38
N HIS A 42 -11.51 -3.33 -2.67
CA HIS A 42 -10.06 -3.33 -2.77
C HIS A 42 -9.53 -3.60 -1.36
N ILE A 43 -8.66 -4.62 -1.24
CA ILE A 43 -8.01 -4.96 0.04
CA ILE A 43 -8.00 -4.92 0.02
C ILE A 43 -6.49 -4.93 -0.24
N ASP A 44 -5.77 -4.19 0.61
CA ASP A 44 -4.31 -4.10 0.54
C ASP A 44 -3.72 -5.08 1.57
N CYS A 45 -2.97 -6.04 1.08
CA CYS A 45 -2.44 -7.17 1.85
C CYS A 45 -0.91 -7.18 1.75
N ALA A 46 -0.30 -8.02 2.58
CA ALA A 46 1.11 -8.34 2.37
C ALA A 46 1.44 -9.60 3.16
N HIS A 47 2.38 -10.39 2.63
CA HIS A 47 2.86 -11.57 3.39
C HIS A 47 3.42 -11.16 4.75
N VAL A 48 4.15 -10.05 4.80
CA VAL A 48 4.79 -9.64 6.08
C VAL A 48 3.77 -9.26 7.12
N TYR A 49 2.51 -8.96 6.73
CA TYR A 49 1.48 -8.59 7.71
C TYR A 49 1.01 -9.79 8.51
N GLN A 50 1.32 -11.00 8.10
CA GLN A 50 1.15 -12.22 8.91
C GLN A 50 -0.31 -12.52 9.19
N ASN A 51 -1.17 -12.13 8.28
CA ASN A 51 -2.62 -12.29 8.45
C ASN A 51 -3.30 -12.61 7.11
N GLU A 52 -2.55 -13.02 6.08
CA GLU A 52 -3.20 -13.26 4.80
C GLU A 52 -4.15 -14.45 4.86
N ASN A 53 -3.86 -15.48 5.67
N ASN A 53 -3.84 -15.47 5.67
CA ASN A 53 -4.85 -16.58 5.75
CA ASN A 53 -4.80 -16.58 5.81
C ASN A 53 -6.20 -16.08 6.23
C ASN A 53 -6.15 -16.03 6.20
N GLU A 54 -6.17 -15.18 7.23
CA GLU A 54 -7.41 -14.69 7.84
C GLU A 54 -8.14 -13.71 6.92
N VAL A 55 -7.38 -12.92 6.15
CA VAL A 55 -8.01 -12.14 5.08
C VAL A 55 -8.69 -13.07 4.07
N GLY A 56 -7.95 -14.15 3.67
CA GLY A 56 -8.45 -15.09 2.69
C GLY A 56 -9.76 -15.80 3.13
N VAL A 57 -9.84 -16.14 4.41
CA VAL A 57 -11.07 -16.71 5.06
C VAL A 57 -12.25 -15.80 4.80
N ALA A 58 -12.06 -14.51 5.04
CA ALA A 58 -13.15 -13.54 4.89
C ALA A 58 -13.61 -13.44 3.46
N ILE A 59 -12.64 -13.33 2.53
CA ILE A 59 -12.99 -13.26 1.12
C ILE A 59 -13.75 -14.53 0.72
N GLN A 60 -13.24 -15.70 1.09
CA GLN A 60 -13.90 -16.96 0.76
C GLN A 60 -15.35 -16.98 1.29
N GLU A 61 -15.55 -16.54 2.52
CA GLU A 61 -16.89 -16.54 3.08
C GLU A 61 -17.83 -15.67 2.26
N LYS A 62 -17.37 -14.48 1.86
CA LYS A 62 -18.25 -13.54 1.15
C LYS A 62 -18.49 -13.99 -0.29
N LEU A 63 -17.49 -14.65 -0.90
CA LEU A 63 -17.75 -15.32 -2.18
C LEU A 63 -18.80 -16.44 -2.00
N ARG A 64 -18.67 -17.25 -0.96
CA ARG A 64 -19.64 -18.34 -0.76
C ARG A 64 -21.05 -17.83 -0.49
N GLU A 65 -21.15 -16.69 0.20
CA GLU A 65 -22.42 -16.03 0.53
C GLU A 65 -23.06 -15.34 -0.69
N GLN A 66 -22.33 -15.21 -1.80
CA GLN A 66 -22.83 -14.55 -3.01
C GLN A 66 -22.95 -13.04 -2.84
N VAL A 67 -22.09 -12.48 -1.99
CA VAL A 67 -22.10 -11.03 -1.76
C VAL A 67 -21.34 -10.31 -2.86
N VAL A 68 -20.26 -10.94 -3.34
CA VAL A 68 -19.41 -10.42 -4.40
CA VAL A 68 -19.37 -10.44 -4.40
C VAL A 68 -18.94 -11.64 -5.20
N LYS A 69 -18.53 -11.36 -6.44
CA LYS A 69 -17.79 -12.37 -7.22
C LYS A 69 -16.33 -11.90 -7.30
N ARG A 70 -15.46 -12.86 -7.61
CA ARG A 70 -14.02 -12.60 -7.60
C ARG A 70 -13.64 -11.41 -8.49
N GLU A 71 -14.26 -11.33 -9.67
CA GLU A 71 -13.90 -10.31 -10.63
C GLU A 71 -14.15 -8.89 -10.13
N GLU A 72 -15.05 -8.74 -9.15
CA GLU A 72 -15.39 -7.43 -8.57
C GLU A 72 -14.42 -6.99 -7.49
N LEU A 73 -13.61 -7.91 -7.00
CA LEU A 73 -12.62 -7.61 -5.96
C LEU A 73 -11.30 -7.24 -6.60
N PHE A 74 -10.55 -6.39 -5.89
CA PHE A 74 -9.22 -5.95 -6.33
C PHE A 74 -8.28 -6.23 -5.16
N ILE A 75 -7.56 -7.36 -5.26
CA ILE A 75 -6.73 -7.85 -4.16
C ILE A 75 -5.27 -7.56 -4.50
N VAL A 76 -4.61 -6.85 -3.59
CA VAL A 76 -3.22 -6.45 -3.73
C VAL A 76 -2.40 -7.19 -2.68
N SER A 77 -1.24 -7.75 -3.07
CA SER A 77 -0.27 -8.17 -2.09
C SER A 77 1.12 -7.70 -2.54
N LYS A 78 2.12 -8.10 -1.75
CA LYS A 78 3.47 -7.55 -1.92
C LYS A 78 4.48 -8.63 -1.59
N LEU A 79 5.56 -8.62 -2.38
CA LEU A 79 6.72 -9.50 -2.25
C LEU A 79 7.61 -8.95 -1.11
N TRP A 80 7.80 -9.73 -0.05
CA TRP A 80 8.59 -9.23 1.07
C TRP A 80 10.09 -9.24 0.70
N CYS A 81 10.83 -8.45 1.51
CA CYS A 81 12.22 -8.14 1.24
C CYS A 81 13.14 -9.36 1.26
N THR A 82 12.77 -10.40 2.01
CA THR A 82 13.60 -11.62 2.10
C THR A 82 13.42 -12.54 0.90
N TYR A 83 12.59 -12.15 -0.09
CA TYR A 83 12.31 -12.98 -1.25
CA TYR A 83 12.31 -12.97 -1.25
C TYR A 83 12.67 -12.27 -2.56
N HIS A 84 13.64 -11.35 -2.54
CA HIS A 84 13.98 -10.66 -3.78
C HIS A 84 14.76 -11.49 -4.79
N GLU A 85 15.40 -12.57 -4.34
CA GLU A 85 16.17 -13.40 -5.28
C GLU A 85 15.23 -13.90 -6.35
N LYS A 86 15.68 -13.89 -7.61
CA LYS A 86 14.81 -14.25 -8.72
C LYS A 86 14.20 -15.64 -8.51
N GLY A 87 14.97 -16.57 -7.93
CA GLY A 87 14.49 -17.93 -7.73
C GLY A 87 13.46 -18.07 -6.62
N LEU A 88 13.27 -17.06 -5.78
CA LEU A 88 12.33 -17.12 -4.67
C LEU A 88 11.01 -16.41 -4.97
N VAL A 89 10.95 -15.59 -6.01
CA VAL A 89 9.79 -14.72 -6.21
C VAL A 89 8.51 -15.52 -6.47
N LYS A 90 8.57 -16.50 -7.36
CA LYS A 90 7.34 -17.21 -7.68
C LYS A 90 6.81 -17.93 -6.44
N GLY A 91 7.67 -18.56 -5.66
CA GLY A 91 7.22 -19.27 -4.48
C GLY A 91 6.58 -18.32 -3.48
N ALA A 92 7.16 -17.11 -3.34
CA ALA A 92 6.58 -16.14 -2.42
C ALA A 92 5.19 -15.73 -2.88
N CYS A 93 5.03 -15.51 -4.19
CA CYS A 93 3.72 -15.16 -4.72
C CYS A 93 2.73 -16.30 -4.48
N GLN A 94 3.16 -17.54 -4.79
CA GLN A 94 2.24 -18.66 -4.64
CA GLN A 94 2.31 -18.72 -4.64
C GLN A 94 1.88 -18.91 -3.18
N LYS A 95 2.77 -18.62 -2.22
CA LYS A 95 2.43 -18.74 -0.81
C LYS A 95 1.35 -17.73 -0.45
N THR A 96 1.50 -16.48 -0.89
CA THR A 96 0.46 -15.49 -0.71
C THR A 96 -0.87 -15.94 -1.33
N LEU A 97 -0.82 -16.46 -2.57
CA LEU A 97 -2.06 -16.93 -3.21
C LEU A 97 -2.70 -18.05 -2.39
N SER A 98 -1.89 -19.00 -1.92
CA SER A 98 -2.43 -20.11 -1.13
C SER A 98 -3.04 -19.59 0.16
N ASP A 99 -2.36 -18.66 0.86
CA ASP A 99 -2.89 -18.13 2.10
C ASP A 99 -4.19 -17.37 1.86
N LEU A 100 -4.23 -16.56 0.82
CA LEU A 100 -5.42 -15.77 0.47
C LEU A 100 -6.54 -16.64 -0.13
N LYS A 101 -6.22 -17.90 -0.49
CA LYS A 101 -7.16 -18.83 -1.13
C LYS A 101 -7.62 -18.31 -2.49
N LEU A 102 -6.71 -17.67 -3.22
CA LEU A 102 -6.99 -17.08 -4.52
C LEU A 102 -6.16 -17.78 -5.60
N ASP A 103 -6.64 -17.64 -6.84
CA ASP A 103 -5.85 -18.14 -7.96
CA ASP A 103 -6.00 -18.12 -8.06
C ASP A 103 -5.19 -17.04 -8.76
N TYR A 104 -5.43 -15.77 -8.41
CA TYR A 104 -4.61 -14.70 -8.96
C TYR A 104 -4.72 -13.52 -8.02
N LEU A 105 -3.75 -12.61 -8.13
CA LEU A 105 -3.81 -11.30 -7.53
C LEU A 105 -4.10 -10.25 -8.61
N ASP A 106 -4.83 -9.20 -8.24
CA ASP A 106 -5.03 -8.09 -9.16
C ASP A 106 -3.77 -7.25 -9.33
N LEU A 107 -2.94 -7.17 -8.27
CA LEU A 107 -1.76 -6.34 -8.29
C LEU A 107 -0.78 -6.96 -7.30
N TYR A 108 0.50 -7.07 -7.71
CA TYR A 108 1.53 -7.59 -6.84
C TYR A 108 2.68 -6.59 -6.88
N LEU A 109 3.11 -6.13 -5.70
CA LEU A 109 4.12 -5.07 -5.59
C LEU A 109 5.43 -5.59 -5.02
N ILE A 110 6.55 -5.05 -5.51
CA ILE A 110 7.79 -5.18 -4.74
C ILE A 110 7.62 -4.27 -3.51
N HIS A 111 7.60 -4.88 -2.32
CA HIS A 111 7.17 -4.16 -1.13
C HIS A 111 8.10 -2.98 -0.77
N TRP A 112 9.41 -3.26 -0.84
CA TRP A 112 10.44 -2.25 -0.63
C TRP A 112 11.55 -2.52 -1.63
N PRO A 113 12.33 -1.50 -2.01
CA PRO A 113 13.42 -1.76 -2.96
C PRO A 113 14.58 -2.54 -2.35
N THR A 114 14.65 -2.61 -1.03
CA THR A 114 15.74 -3.26 -0.30
C THR A 114 15.53 -4.75 -0.17
N GLY A 115 16.45 -5.55 -0.68
CA GLY A 115 16.46 -6.97 -0.41
C GLY A 115 17.14 -7.27 0.92
N PHE A 116 16.57 -8.22 1.66
CA PHE A 116 17.10 -8.69 2.94
C PHE A 116 17.52 -10.15 2.80
N LYS A 117 18.48 -10.54 3.64
CA LYS A 117 18.96 -11.92 3.65
C LYS A 117 17.78 -12.91 3.65
N PRO A 118 17.82 -13.91 2.79
CA PRO A 118 16.72 -14.87 2.76
CA PRO A 118 16.72 -14.88 2.78
C PRO A 118 16.77 -15.75 4.01
N GLY A 119 15.61 -16.20 4.42
CA GLY A 119 15.51 -16.98 5.65
C GLY A 119 14.18 -16.77 6.32
N LYS A 120 14.03 -17.32 7.51
CA LYS A 120 12.70 -17.36 8.14
C LYS A 120 12.30 -16.01 8.71
N GLU A 121 13.28 -15.26 9.18
CA GLU A 121 13.00 -14.02 9.84
C GLU A 121 12.70 -12.91 8.82
N PHE A 122 11.64 -12.15 9.09
CA PHE A 122 11.29 -11.06 8.18
C PHE A 122 12.23 -9.87 8.21
N PHE A 123 12.80 -9.59 9.41
CA PHE A 123 13.72 -8.49 9.59
C PHE A 123 15.00 -9.09 10.18
N PRO A 124 15.81 -9.78 9.37
CA PRO A 124 16.98 -10.50 9.90
C PRO A 124 18.01 -9.51 10.38
N LEU A 125 18.47 -9.73 11.61
CA LEU A 125 19.44 -8.82 12.21
C LEU A 125 20.75 -9.53 12.49
N ASP A 126 21.82 -8.75 12.43
CA ASP A 126 23.10 -9.24 12.93
C ASP A 126 23.17 -9.08 14.44
N GLU A 127 24.30 -9.51 15.03
CA GLU A 127 24.48 -9.44 16.46
C GLU A 127 24.51 -7.98 17.01
N SER A 128 24.58 -6.91 16.16
CA SER A 128 24.57 -5.50 16.50
C SER A 128 23.31 -4.74 16.06
N GLY A 129 22.28 -5.45 15.63
CA GLY A 129 20.98 -4.89 15.29
C GLY A 129 20.81 -4.32 13.90
N ASN A 130 21.79 -4.46 13.00
CA ASN A 130 21.65 -4.02 11.61
C ASN A 130 20.87 -5.04 10.82
N VAL A 131 19.96 -4.56 9.92
CA VAL A 131 19.33 -5.44 8.94
C VAL A 131 20.39 -6.04 8.07
N VAL A 132 20.31 -7.33 7.88
CA VAL A 132 21.24 -8.02 7.00
C VAL A 132 20.69 -7.97 5.58
N PRO A 133 21.37 -7.32 4.65
CA PRO A 133 20.88 -7.25 3.26
C PRO A 133 21.07 -8.57 2.54
N SER A 134 20.42 -8.67 1.34
CA SER A 134 20.79 -9.69 0.37
CA SER A 134 20.79 -9.69 0.37
C SER A 134 21.47 -9.11 -0.85
N ASP A 135 22.15 -10.02 -1.60
CA ASP A 135 22.83 -9.78 -2.87
CA ASP A 135 22.79 -9.62 -2.86
C ASP A 135 21.77 -9.78 -4.00
N THR A 136 20.84 -8.88 -3.94
CA THR A 136 19.83 -8.71 -4.95
C THR A 136 19.77 -7.27 -5.46
N ASN A 137 19.21 -7.08 -6.65
CA ASN A 137 19.07 -5.78 -7.25
C ASN A 137 17.69 -5.60 -7.84
N ILE A 138 17.30 -4.34 -7.96
CA ILE A 138 15.96 -3.97 -8.38
C ILE A 138 15.60 -4.61 -9.71
N LEU A 139 16.49 -4.53 -10.69
CA LEU A 139 16.14 -4.91 -12.04
C LEU A 139 15.93 -6.41 -12.16
N ASP A 140 16.74 -7.20 -11.48
CA ASP A 140 16.56 -8.64 -11.51
C ASP A 140 15.27 -9.04 -10.77
N THR A 141 14.95 -8.39 -9.65
CA THR A 141 13.69 -8.69 -9.00
C THR A 141 12.52 -8.32 -9.90
N TRP A 142 12.61 -7.18 -10.60
CA TRP A 142 11.54 -6.79 -11.50
C TRP A 142 11.32 -7.82 -12.61
N ALA A 143 12.42 -8.32 -13.20
CA ALA A 143 12.24 -9.31 -14.24
C ALA A 143 11.52 -10.54 -13.69
N ALA A 144 11.81 -10.92 -12.44
CA ALA A 144 11.13 -12.08 -11.86
C ALA A 144 9.64 -11.76 -11.62
N MET A 145 9.29 -10.53 -11.25
CA MET A 145 7.89 -10.12 -11.14
C MET A 145 7.17 -10.20 -12.48
N GLU A 146 7.85 -9.81 -13.57
CA GLU A 146 7.24 -9.84 -14.88
C GLU A 146 6.77 -11.24 -15.25
N GLU A 147 7.57 -12.22 -14.88
CA GLU A 147 7.22 -13.63 -15.14
C GLU A 147 5.87 -14.03 -14.51
N LEU A 148 5.53 -13.44 -13.37
CA LEU A 148 4.26 -13.75 -12.70
C LEU A 148 3.08 -13.30 -13.53
N VAL A 149 3.21 -12.17 -14.25
CA VAL A 149 2.13 -11.74 -15.14
C VAL A 149 2.04 -12.71 -16.31
N ASP A 150 3.19 -13.07 -16.89
CA ASP A 150 3.18 -13.95 -18.03
C ASP A 150 2.57 -15.30 -17.70
N GLU A 151 2.70 -15.76 -16.45
CA GLU A 151 2.14 -17.03 -16.02
C GLU A 151 0.72 -16.95 -15.48
N GLY A 152 0.13 -15.76 -15.43
CA GLY A 152 -1.25 -15.61 -14.99
C GLY A 152 -1.47 -15.60 -13.50
N LEU A 153 -0.38 -15.55 -12.70
CA LEU A 153 -0.55 -15.48 -11.26
CA LEU A 153 -0.56 -15.49 -11.26
C LEU A 153 -1.03 -14.12 -10.79
N VAL A 154 -0.65 -13.08 -11.51
CA VAL A 154 -0.98 -11.70 -11.13
C VAL A 154 -1.36 -10.95 -12.42
N LYS A 155 -2.28 -10.01 -12.29
CA LYS A 155 -2.75 -9.26 -13.45
C LYS A 155 -1.89 -8.03 -13.75
N ALA A 156 -1.23 -7.48 -12.75
CA ALA A 156 -0.42 -6.28 -12.87
C ALA A 156 0.64 -6.35 -11.77
N ILE A 157 1.76 -5.70 -12.05
CA ILE A 157 2.82 -5.58 -11.07
C ILE A 157 3.18 -4.13 -10.87
N GLY A 158 3.70 -3.84 -9.65
CA GLY A 158 4.13 -2.50 -9.29
C GLY A 158 5.16 -2.52 -8.19
N ILE A 159 5.36 -1.34 -7.61
CA ILE A 159 6.42 -1.12 -6.66
C ILE A 159 5.87 -0.33 -5.48
N SER A 160 6.66 -0.27 -4.42
CA SER A 160 6.26 0.44 -3.22
C SER A 160 7.52 0.97 -2.55
N ASN A 161 7.45 2.18 -2.10
CA ASN A 161 8.59 2.82 -1.42
C ASN A 161 9.81 2.97 -2.35
N PHE A 162 9.54 3.12 -3.66
CA PHE A 162 10.62 3.43 -4.60
C PHE A 162 10.71 4.93 -4.79
N ASN A 163 11.94 5.47 -4.75
CA ASN A 163 12.14 6.86 -5.10
C ASN A 163 12.17 7.03 -6.60
N HIS A 164 12.21 8.28 -7.09
CA HIS A 164 12.01 8.47 -8.53
C HIS A 164 13.14 7.85 -9.30
N LEU A 165 14.37 7.86 -8.76
CA LEU A 165 15.48 7.27 -9.48
C LEU A 165 15.34 5.76 -9.57
N GLN A 166 14.78 5.13 -8.54
CA GLN A 166 14.59 3.68 -8.55
C GLN A 166 13.48 3.32 -9.51
N VAL A 167 12.41 4.13 -9.60
CA VAL A 167 11.38 3.95 -10.64
C VAL A 167 12.02 4.08 -12.00
N GLU A 168 12.84 5.13 -12.20
CA GLU A 168 13.47 5.38 -13.49
C GLU A 168 14.28 4.20 -13.92
N MET A 169 14.98 3.58 -12.96
N MET A 169 14.92 3.56 -12.97
CA MET A 169 15.78 2.42 -13.25
CA MET A 169 15.74 2.46 -13.37
C MET A 169 14.99 1.30 -13.93
C MET A 169 14.94 1.30 -13.98
N ILE A 170 13.81 1.01 -13.42
CA ILE A 170 12.92 0.05 -14.06
C ILE A 170 12.43 0.58 -15.41
N LEU A 171 11.97 1.83 -15.45
CA LEU A 171 11.41 2.33 -16.72
C LEU A 171 12.41 2.26 -17.83
N ASN A 172 13.66 2.44 -17.54
CA ASN A 172 14.69 2.50 -18.53
C ASN A 172 15.37 1.17 -18.82
N LYS A 173 14.89 0.10 -18.21
CA LYS A 173 15.50 -1.20 -18.38
C LYS A 173 15.42 -1.69 -19.81
N PRO A 174 16.54 -2.02 -20.46
CA PRO A 174 16.41 -2.61 -21.81
C PRO A 174 15.63 -3.94 -21.72
N GLY A 175 14.71 -4.16 -22.63
CA GLY A 175 13.96 -5.40 -22.63
C GLY A 175 12.88 -5.45 -21.55
N LEU A 176 12.50 -4.29 -20.98
CA LEU A 176 11.34 -4.19 -20.10
C LEU A 176 10.12 -4.88 -20.73
N LYS A 177 9.42 -5.73 -19.97
CA LYS A 177 8.23 -6.39 -20.45
C LYS A 177 6.94 -5.71 -19.99
N TYR A 178 6.90 -5.28 -18.73
CA TYR A 178 5.75 -4.58 -18.16
C TYR A 178 6.24 -3.35 -17.41
N LYS A 179 5.60 -2.21 -17.65
CA LYS A 179 5.87 -1.08 -16.80
C LYS A 179 5.13 -1.26 -15.48
N PRO A 180 5.72 -0.77 -14.39
CA PRO A 180 4.98 -0.79 -13.12
CA PRO A 180 5.00 -0.75 -13.10
C PRO A 180 3.67 -0.01 -13.26
N ALA A 181 2.59 -0.63 -12.75
CA ALA A 181 1.29 0.01 -12.85
C ALA A 181 1.05 1.05 -11.75
N VAL A 182 1.66 0.79 -10.59
CA VAL A 182 1.41 1.50 -9.34
C VAL A 182 2.72 1.67 -8.59
N ASN A 183 2.88 2.80 -7.91
CA ASN A 183 3.87 2.97 -6.83
C ASN A 183 3.08 3.34 -5.58
N GLN A 184 3.20 2.46 -4.56
CA GLN A 184 2.50 2.67 -3.30
C GLN A 184 3.48 3.32 -2.30
N ILE A 185 3.13 4.53 -1.83
CA ILE A 185 4.04 5.34 -1.03
C ILE A 185 3.28 5.93 0.13
N GLU A 186 4.00 6.29 1.21
CA GLU A 186 3.39 6.98 2.32
C GLU A 186 2.93 8.36 1.86
N CYS A 187 1.72 8.78 2.25
CA CYS A 187 1.28 10.12 1.83
C CYS A 187 0.14 10.57 2.69
N HIS A 188 0.28 11.80 3.22
CA HIS A 188 -0.70 12.38 4.15
C HIS A 188 -0.32 13.85 4.28
N PRO A 189 -1.09 14.68 5.02
CA PRO A 189 -0.77 16.12 5.07
C PRO A 189 0.60 16.46 5.61
N TYR A 190 1.25 15.57 6.37
CA TYR A 190 2.58 15.88 6.87
C TYR A 190 3.70 15.41 5.94
N LEU A 191 3.36 14.65 4.92
CA LEU A 191 4.31 14.10 3.92
C LEU A 191 3.51 14.06 2.60
N THR A 192 3.41 15.21 1.95
CA THR A 192 2.49 15.38 0.85
C THR A 192 3.01 14.85 -0.48
N GLN A 193 4.30 14.57 -0.61
CA GLN A 193 4.83 13.85 -1.75
C GLN A 193 4.61 14.58 -3.07
N GLU A 194 4.64 15.92 -3.08
CA GLU A 194 4.31 16.62 -4.30
C GLU A 194 5.20 16.19 -5.43
N LYS A 195 6.54 16.11 -5.23
CA LYS A 195 7.41 15.81 -6.35
C LYS A 195 7.33 14.37 -6.85
N LEU A 196 7.24 13.41 -5.96
CA LEU A 196 7.14 12.01 -6.40
C LEU A 196 5.78 11.76 -7.04
N ILE A 197 4.71 12.35 -6.54
CA ILE A 197 3.41 12.20 -7.20
C ILE A 197 3.46 12.79 -8.60
N GLN A 198 4.00 14.01 -8.73
CA GLN A 198 4.08 14.61 -10.05
C GLN A 198 4.90 13.73 -10.99
N TYR A 199 6.01 13.19 -10.51
CA TYR A 199 6.82 12.31 -11.31
C TYR A 199 6.04 11.07 -11.77
N CYS A 200 5.46 10.34 -10.81
CA CYS A 200 4.79 9.10 -11.14
C CYS A 200 3.60 9.36 -12.09
N GLN A 201 2.79 10.37 -11.79
CA GLN A 201 1.61 10.62 -12.61
C GLN A 201 2.04 10.99 -14.02
N SER A 202 3.12 11.74 -14.16
CA SER A 202 3.64 12.11 -15.47
C SER A 202 4.13 10.92 -16.27
N LYS A 203 4.52 9.83 -15.60
CA LYS A 203 5.02 8.61 -16.21
C LYS A 203 3.92 7.57 -16.38
N GLY A 204 2.67 7.88 -16.09
CA GLY A 204 1.60 6.94 -16.26
C GLY A 204 1.54 5.86 -15.18
N ILE A 205 2.09 6.17 -14.00
CA ILE A 205 2.09 5.24 -12.86
C ILE A 205 1.11 5.79 -11.83
N VAL A 206 0.13 4.95 -11.44
CA VAL A 206 -0.85 5.35 -10.45
C VAL A 206 -0.21 5.29 -9.05
N VAL A 207 -0.52 6.30 -8.24
CA VAL A 207 0.04 6.34 -6.90
C VAL A 207 -1.03 5.93 -5.90
N THR A 208 -0.65 4.99 -5.00
CA THR A 208 -1.45 4.68 -3.83
C THR A 208 -0.82 5.31 -2.59
N ALA A 209 -1.63 6.02 -1.82
CA ALA A 209 -1.23 6.62 -0.54
C ALA A 209 -1.47 5.66 0.59
N TYR A 210 -0.37 5.28 1.26
CA TYR A 210 -0.47 4.46 2.46
C TYR A 210 -0.30 5.36 3.70
N SER A 211 -0.69 4.80 4.85
CA SER A 211 -0.72 5.50 6.13
C SER A 211 -1.40 6.87 6.01
N PRO A 212 -2.57 6.94 5.39
CA PRO A 212 -3.20 8.26 5.16
C PRO A 212 -3.68 8.92 6.44
N LEU A 213 -3.86 8.14 7.52
CA LEU A 213 -4.26 8.67 8.81
C LEU A 213 -3.06 8.88 9.71
N GLY A 214 -1.84 8.70 9.18
CA GLY A 214 -0.62 8.88 9.95
C GLY A 214 -0.24 7.68 10.81
N SER A 215 -0.81 6.51 10.53
CA SER A 215 -0.42 5.27 11.19
C SER A 215 -0.22 5.45 12.71
N PRO A 216 -1.26 5.88 13.44
CA PRO A 216 -1.08 6.14 14.88
C PRO A 216 -0.76 4.87 15.66
N ASP A 217 -1.09 3.69 15.12
CA ASP A 217 -0.84 2.41 15.74
C ASP A 217 0.50 1.82 15.36
N ARG A 218 1.35 2.51 14.60
CA ARG A 218 2.66 1.97 14.21
C ARG A 218 3.48 1.63 15.43
N PRO A 219 4.33 0.68 15.38
CA PRO A 219 5.06 0.22 16.54
C PRO A 219 6.19 1.08 17.05
N TRP A 220 7.19 1.93 16.86
N TRP A 220 6.76 2.11 16.43
CA TRP A 220 7.70 2.78 17.93
CA TRP A 220 7.87 2.85 17.02
C TRP A 220 7.47 4.25 17.63
C TRP A 220 7.38 4.09 17.74
N ALA A 221 6.22 4.60 17.32
CA ALA A 221 5.68 5.94 17.44
C ALA A 221 6.08 6.57 18.79
N LYS A 222 6.63 7.77 18.74
CA LYS A 222 7.05 8.47 19.95
C LYS A 222 5.99 9.47 20.32
N PRO A 223 5.78 9.62 21.63
CA PRO A 223 4.63 10.40 22.08
C PRO A 223 4.69 11.83 21.63
N GLU A 224 5.88 12.37 21.45
CA GLU A 224 6.04 13.75 21.00
C GLU A 224 5.88 13.91 19.49
N ASP A 225 5.65 12.79 18.79
CA ASP A 225 5.55 12.76 17.31
C ASP A 225 4.27 13.56 16.96
N PRO A 226 4.25 14.22 15.78
CA PRO A 226 3.00 14.78 15.22
C PRO A 226 1.91 13.71 15.08
N SER A 227 0.61 14.22 15.21
CA SER A 227 -0.56 13.34 15.17
C SER A 227 -1.64 13.94 14.29
N LEU A 228 -1.81 13.39 13.11
CA LEU A 228 -2.77 13.91 12.14
C LEU A 228 -4.17 13.80 12.67
N LEU A 229 -4.56 12.66 13.24
CA LEU A 229 -5.93 12.55 13.63
C LEU A 229 -6.31 13.51 14.72
N GLU A 230 -5.29 13.86 15.48
CA GLU A 230 -5.52 14.77 16.59
CA GLU A 230 -5.68 14.79 16.52
C GLU A 230 -5.27 16.22 16.20
N ASP A 231 -4.93 16.51 14.95
CA ASP A 231 -4.55 17.86 14.57
C ASP A 231 -5.76 18.77 14.66
N PRO A 232 -5.71 19.84 15.45
CA PRO A 232 -6.92 20.65 15.66
C PRO A 232 -7.29 21.44 14.44
N ARG A 233 -6.33 21.69 13.58
CA ARG A 233 -6.58 22.43 12.35
C ARG A 233 -7.38 21.60 11.36
N ILE A 234 -7.08 20.30 11.27
CA ILE A 234 -7.81 19.39 10.40
C ILE A 234 -9.17 19.11 11.01
N LYS A 235 -9.26 19.04 12.37
CA LYS A 235 -10.54 18.94 13.03
C LYS A 235 -11.48 20.06 12.59
N ALA A 236 -10.95 21.27 12.45
CA ALA A 236 -11.79 22.40 12.07
C ALA A 236 -12.28 22.27 10.65
N ILE A 237 -11.42 21.83 9.72
CA ILE A 237 -11.89 21.58 8.35
C ILE A 237 -12.99 20.52 8.34
N ALA A 238 -12.81 19.43 9.09
CA ALA A 238 -13.81 18.37 9.17
C ALA A 238 -15.13 18.91 9.69
N ALA A 239 -15.08 19.69 10.76
CA ALA A 239 -16.31 20.19 11.39
C ALA A 239 -17.13 21.01 10.41
N LYS A 240 -16.45 21.79 9.56
CA LYS A 240 -17.12 22.64 8.58
C LYS A 240 -17.89 21.82 7.54
N HIS A 241 -17.46 20.59 7.27
CA HIS A 241 -18.12 19.68 6.34
C HIS A 241 -19.02 18.70 7.04
N ASN A 242 -19.14 18.76 8.38
CA ASN A 242 -19.91 17.75 9.11
CA ASN A 242 -19.91 17.76 9.11
C ASN A 242 -19.38 16.34 8.86
N LYS A 243 -18.05 16.20 8.85
CA LYS A 243 -17.32 14.95 8.63
C LYS A 243 -16.32 14.80 9.75
N THR A 244 -15.75 13.59 9.88
CA THR A 244 -14.68 13.40 10.86
C THR A 244 -13.33 13.76 10.26
N THR A 245 -12.34 13.94 11.13
CA THR A 245 -11.00 14.16 10.65
CA THR A 245 -10.99 14.15 10.64
C THR A 245 -10.54 13.01 9.77
N ALA A 246 -10.81 11.77 10.16
CA ALA A 246 -10.41 10.64 9.33
C ALA A 246 -11.02 10.74 7.93
N GLN A 247 -12.31 11.12 7.83
CA GLN A 247 -12.95 11.24 6.53
C GLN A 247 -12.29 12.31 5.68
N VAL A 248 -11.90 13.44 6.28
CA VAL A 248 -11.15 14.46 5.56
C VAL A 248 -9.82 13.89 5.07
N LEU A 249 -9.12 13.14 5.94
CA LEU A 249 -7.80 12.60 5.58
C LEU A 249 -7.89 11.56 4.47
N ILE A 250 -9.03 10.88 4.33
CA ILE A 250 -9.21 9.91 3.24
C ILE A 250 -9.62 10.62 1.95
N ARG A 251 -10.50 11.64 2.05
CA ARG A 251 -10.94 12.36 0.88
C ARG A 251 -9.80 13.15 0.24
N PHE A 252 -8.86 13.65 1.05
CA PHE A 252 -7.77 14.44 0.58
C PHE A 252 -7.01 13.80 -0.58
N PRO A 253 -6.43 12.60 -0.41
CA PRO A 253 -5.71 11.96 -1.52
C PRO A 253 -6.65 11.61 -2.68
N MET A 254 -7.91 11.31 -2.40
CA MET A 254 -8.84 11.00 -3.50
C MET A 254 -8.92 12.17 -4.48
N GLN A 255 -8.88 13.38 -3.98
CA GLN A 255 -8.97 14.61 -4.82
C GLN A 255 -7.66 14.96 -5.47
N ARG A 256 -6.60 14.20 -5.22
CA ARG A 256 -5.31 14.33 -5.91
C ARG A 256 -5.12 13.23 -6.93
N ASN A 257 -6.21 12.52 -7.25
CA ASN A 257 -6.16 11.41 -8.17
CA ASN A 257 -6.14 11.41 -8.21
C ASN A 257 -5.25 10.30 -7.69
N LEU A 258 -5.27 10.06 -6.37
CA LEU A 258 -4.56 8.95 -5.76
C LEU A 258 -5.57 7.89 -5.33
N VAL A 259 -5.04 6.65 -5.18
CA VAL A 259 -5.72 5.58 -4.48
C VAL A 259 -5.34 5.72 -2.99
N VAL A 260 -6.22 5.32 -2.07
CA VAL A 260 -5.93 5.48 -0.65
C VAL A 260 -6.44 4.24 0.08
N ILE A 261 -5.66 3.81 1.11
CA ILE A 261 -5.89 2.50 1.76
C ILE A 261 -5.89 2.61 3.29
N PRO A 262 -6.84 3.37 3.87
CA PRO A 262 -6.90 3.45 5.34
C PRO A 262 -7.14 2.08 5.96
N LYS A 263 -6.49 1.83 7.09
CA LYS A 263 -6.64 0.58 7.82
C LYS A 263 -7.56 0.78 9.03
N SER A 264 -8.48 -0.17 9.23
CA SER A 264 -9.16 -0.30 10.51
C SER A 264 -9.60 -1.74 10.68
N VAL A 265 -9.70 -2.16 11.95
CA VAL A 265 -10.39 -3.39 12.35
C VAL A 265 -11.69 -3.11 13.10
N THR A 266 -12.02 -1.84 13.28
CA THR A 266 -13.16 -1.45 14.12
C THR A 266 -14.37 -1.28 13.21
N PRO A 267 -15.45 -2.08 13.33
CA PRO A 267 -16.54 -1.96 12.35
C PRO A 267 -17.09 -0.58 12.12
N GLU A 268 -17.31 0.22 13.15
CA GLU A 268 -17.85 1.56 12.95
C GLU A 268 -16.91 2.41 12.12
N ARG A 269 -15.59 2.28 12.37
CA ARG A 269 -14.61 3.05 11.62
C ARG A 269 -14.48 2.55 10.18
N ILE A 270 -14.56 1.25 9.97
CA ILE A 270 -14.53 0.72 8.59
C ILE A 270 -15.65 1.39 7.78
N ALA A 271 -16.85 1.43 8.36
CA ALA A 271 -17.98 2.08 7.71
C ALA A 271 -17.78 3.57 7.55
N GLU A 272 -17.33 4.25 8.61
CA GLU A 272 -17.07 5.70 8.55
C GLU A 272 -16.11 6.04 7.39
N ASN A 273 -15.04 5.25 7.30
CA ASN A 273 -13.96 5.54 6.37
C ASN A 273 -14.42 5.39 4.92
N PHE A 274 -15.48 4.63 4.68
CA PHE A 274 -16.00 4.45 3.33
C PHE A 274 -16.95 5.58 2.94
N LYS A 275 -17.46 6.34 3.90
CA LYS A 275 -18.48 7.36 3.65
C LYS A 275 -17.79 8.67 3.29
N VAL A 276 -17.12 8.64 2.13
CA VAL A 276 -16.28 9.72 1.67
C VAL A 276 -16.58 10.09 0.22
N PHE A 277 -17.71 9.62 -0.30
CA PHE A 277 -18.12 9.90 -1.68
C PHE A 277 -19.26 10.91 -1.76
N ASP A 278 -19.61 11.53 -0.63
CA ASP A 278 -20.76 12.40 -0.52
C ASP A 278 -20.41 13.82 -0.13
N PHE A 279 -19.16 14.22 -0.22
CA PHE A 279 -18.74 15.57 0.05
C PHE A 279 -17.49 15.85 -0.77
N GLU A 280 -17.15 17.14 -0.85
CA GLU A 280 -15.94 17.60 -1.54
C GLU A 280 -15.16 18.58 -0.67
N LEU A 281 -13.86 18.40 -0.60
CA LEU A 281 -13.00 19.43 -0.03
C LEU A 281 -12.84 20.57 -1.02
N SER A 282 -12.89 21.80 -0.53
CA SER A 282 -12.79 22.95 -1.40
C SER A 282 -11.34 23.14 -1.87
N SER A 283 -11.15 24.06 -2.86
CA SER A 283 -9.81 24.43 -3.25
CA SER A 283 -9.80 24.46 -3.24
C SER A 283 -9.02 24.91 -2.05
N GLN A 284 -9.64 25.76 -1.22
CA GLN A 284 -8.94 26.26 -0.04
C GLN A 284 -8.62 25.11 0.92
N ASP A 285 -9.56 24.19 1.16
CA ASP A 285 -9.25 23.04 2.04
C ASP A 285 -8.04 22.27 1.53
N MET A 286 -8.00 22.02 0.20
CA MET A 286 -6.92 21.24 -0.39
C MET A 286 -5.62 21.98 -0.19
N THR A 287 -5.62 23.28 -0.49
CA THR A 287 -4.46 24.10 -0.30
C THR A 287 -4.04 24.11 1.18
N THR A 288 -4.97 24.22 2.10
CA THR A 288 -4.59 24.24 3.50
C THR A 288 -3.97 22.92 3.92
N LEU A 289 -4.59 21.81 3.54
CA LEU A 289 -4.04 20.50 3.91
C LEU A 289 -2.65 20.28 3.31
N LEU A 290 -2.45 20.66 2.07
CA LEU A 290 -1.15 20.57 1.44
C LEU A 290 -0.11 21.39 2.23
N SER A 291 -0.53 22.52 2.80
CA SER A 291 0.37 23.45 3.48
C SER A 291 0.87 22.87 4.80
N TYR A 292 0.30 21.78 5.30
CA TYR A 292 0.77 21.14 6.52
C TYR A 292 1.99 20.26 6.30
N ASN A 293 2.50 20.15 5.08
CA ASN A 293 3.62 19.25 4.82
C ASN A 293 4.82 19.63 5.67
N ARG A 294 5.46 18.61 6.23
CA ARG A 294 6.70 18.74 6.98
C ARG A 294 7.77 17.76 6.51
N ASN A 295 7.50 17.03 5.44
CA ASN A 295 8.41 15.97 5.02
C ASN A 295 8.63 14.97 6.15
N TRP A 296 7.57 14.64 6.87
CA TRP A 296 7.68 13.83 8.06
C TRP A 296 7.12 12.44 7.78
N ARG A 297 8.00 11.44 7.86
CA ARG A 297 7.68 10.06 7.52
C ARG A 297 7.45 9.26 8.78
N VAL A 298 6.37 8.50 8.78
CA VAL A 298 6.12 7.55 9.82
C VAL A 298 6.72 6.18 9.48
N CYS A 299 6.95 5.87 8.21
N CYS A 299 7.11 5.97 8.26
CA CYS A 299 7.58 4.61 7.83
CA CYS A 299 7.57 4.68 7.81
C CYS A 299 8.90 4.93 7.10
C CYS A 299 8.93 4.83 7.12
N ALA A 300 9.94 5.12 7.90
CA ALA A 300 11.23 5.54 7.36
C ALA A 300 12.22 4.42 7.24
N LEU A 301 11.84 3.22 7.64
CA LEU A 301 12.73 2.06 7.47
C LEU A 301 14.14 2.38 8.00
N LEU A 302 14.19 2.91 9.21
CA LEU A 302 15.44 3.38 9.77
C LEU A 302 16.49 2.29 9.92
N SER A 303 16.08 1.02 10.07
CA SER A 303 16.98 -0.12 10.20
C SER A 303 17.81 -0.37 8.94
N CYS A 304 17.43 0.29 7.85
CA CYS A 304 18.01 0.05 6.55
C CYS A 304 18.66 1.28 5.96
N THR A 305 19.00 2.26 6.80
CA THR A 305 19.53 3.48 6.24
C THR A 305 20.88 3.31 5.55
N SER A 306 21.58 2.21 5.82
N SER A 306 21.63 2.23 5.88
CA SER A 306 22.88 1.94 5.20
CA SER A 306 22.88 1.91 5.21
C SER A 306 22.79 1.00 3.99
C SER A 306 22.78 1.04 3.98
N HIS A 307 21.59 0.51 3.70
CA HIS A 307 21.39 -0.39 2.58
C HIS A 307 21.61 0.34 1.27
N LYS A 308 22.24 -0.35 0.29
CA LYS A 308 22.54 0.31 -1.00
C LYS A 308 21.29 0.85 -1.64
N ASP A 309 20.14 0.17 -1.43
CA ASP A 309 18.91 0.58 -2.09
CA ASP A 309 18.90 0.54 -2.06
C ASP A 309 17.93 1.26 -1.12
N TYR A 310 18.43 1.78 0.01
CA TYR A 310 17.58 2.56 0.89
C TYR A 310 16.94 3.69 0.08
N PRO A 311 15.62 3.89 0.16
CA PRO A 311 14.99 4.80 -0.82
C PRO A 311 14.95 6.25 -0.40
N PHE A 312 15.18 6.60 0.88
CA PHE A 312 14.79 7.93 1.39
C PHE A 312 15.97 8.86 1.61
N HIS A 313 17.16 8.57 1.04
CA HIS A 313 18.22 9.58 1.01
C HIS A 313 17.94 10.60 -0.06
N GLU A 314 17.43 10.17 -1.20
CA GLU A 314 17.10 11.09 -2.28
C GLU A 314 16.00 12.04 -1.86
N GLU A 315 16.02 13.25 -2.45
CA GLU A 315 14.94 14.22 -2.18
C GLU A 315 13.56 13.62 -2.46
N PHE A 316 13.45 12.89 -3.56
CA PHE A 316 12.19 12.21 -3.90
C PHE A 316 12.47 11.10 -4.86
#